data_8EV4
#
_entry.id   8EV4
#
_cell.length_a   34.050
_cell.length_b   34.050
_cell.length_c   181.449
_cell.angle_alpha   90.00
_cell.angle_beta   90.00
_cell.angle_gamma   90.00
#
_symmetry.space_group_name_H-M   'P 41 21 2'
#
loop_
_entity.id
_entity.type
_entity.pdbx_description
1 polymer 'Clan CA, family C40, NlpC/P60 superfamily cysteine peptidase'
2 water water
#
_entity_poly.entity_id   1
_entity_poly.type   'polypeptide(L)'
_entity_poly.pdbx_seq_one_letter_code
;GPGHERREVPNASGSAILNVAKSRIGKQYMSGGTGPDLFDCSGLVLYSHNQCGVYGVPRVAKDQARGGKAGSGAAGDVVY
FGNPAHHVGICCGDGSMVHAPRPGKTVCILKIAYMKESYGYRRYY
;
_entity_poly.pdbx_strand_id   A
#
# COMPACT_ATOMS: atom_id res chain seq x y z
N ASN A 11 0.05 -0.63 -16.64
CA ASN A 11 -0.15 -2.10 -16.57
C ASN A 11 -1.50 -2.41 -15.91
N ALA A 12 -2.26 -3.32 -16.53
CA ALA A 12 -3.60 -3.68 -16.04
C ALA A 12 -3.64 -4.30 -14.65
N SER A 13 -2.73 -5.22 -14.29
CA SER A 13 -2.72 -5.79 -12.91
C SER A 13 -2.40 -4.73 -11.89
N GLY A 14 -1.48 -3.84 -12.23
CA GLY A 14 -1.15 -2.75 -11.36
C GLY A 14 -2.34 -1.85 -11.12
N SER A 15 -3.04 -1.50 -12.19
CA SER A 15 -4.26 -0.69 -12.04
CA SER A 15 -4.26 -0.69 -12.06
C SER A 15 -5.34 -1.39 -11.23
N ALA A 16 -5.41 -2.73 -11.35
CA ALA A 16 -6.38 -3.48 -10.59
C ALA A 16 -6.09 -3.38 -9.08
N ILE A 17 -4.83 -3.55 -8.70
CA ILE A 17 -4.44 -3.46 -7.29
C ILE A 17 -4.79 -2.06 -6.78
N LEU A 18 -4.47 -1.03 -7.56
CA LEU A 18 -4.81 0.34 -7.19
C LEU A 18 -6.32 0.51 -7.02
N ASN A 19 -7.10 -0.01 -7.98
CA ASN A 19 -8.54 0.08 -7.87
C ASN A 19 -9.08 -0.59 -6.61
N VAL A 20 -8.51 -1.75 -6.24
CA VAL A 20 -8.96 -2.37 -4.99
C VAL A 20 -8.59 -1.48 -3.80
N ALA A 21 -7.38 -0.93 -3.79
CA ALA A 21 -7.00 -0.04 -2.68
C ALA A 21 -7.91 1.18 -2.59
N LYS A 22 -8.16 1.82 -3.72
CA LYS A 22 -9.07 2.98 -3.75
CA LYS A 22 -9.05 2.99 -3.74
C LYS A 22 -10.45 2.64 -3.22
N SER A 23 -10.91 1.44 -3.50
CA SER A 23 -12.25 1.05 -3.06
C SER A 23 -12.39 1.07 -1.55
N ARG A 24 -11.26 0.95 -0.85
CA ARG A 24 -11.23 0.95 0.61
C ARG A 24 -11.11 2.34 1.23
N ILE A 25 -11.06 3.39 0.41
CA ILE A 25 -10.98 4.76 0.95
C ILE A 25 -12.16 5.00 1.89
N GLY A 26 -11.85 5.52 3.09
CA GLY A 26 -12.86 5.77 4.10
C GLY A 26 -12.94 4.71 5.16
N LYS A 27 -12.40 3.53 4.90
CA LYS A 27 -12.42 2.45 5.92
C LYS A 27 -11.53 2.82 7.12
N GLN A 28 -11.97 2.40 8.30
CA GLN A 28 -11.25 2.71 9.53
CA GLN A 28 -11.24 2.70 9.53
C GLN A 28 -9.93 1.93 9.66
N TYR A 29 -8.98 2.54 10.34
CA TYR A 29 -7.72 1.91 10.70
C TYR A 29 -8.00 0.97 11.86
N MET A 30 -7.39 -0.21 11.79
CA MET A 30 -7.29 -1.11 12.90
C MET A 30 -5.95 -1.83 12.82
N SER A 31 -5.18 -1.78 13.89
CA SER A 31 -3.96 -2.57 13.97
CA SER A 31 -3.98 -2.57 14.00
C SER A 31 -4.35 -4.04 13.84
N GLY A 32 -3.70 -4.74 12.89
CA GLY A 32 -4.07 -6.12 12.58
C GLY A 32 -5.10 -6.29 11.46
N GLY A 33 -5.64 -5.21 10.93
CA GLY A 33 -6.69 -5.31 9.91
C GLY A 33 -6.17 -5.56 8.52
N THR A 34 -6.76 -6.53 7.82
CA THR A 34 -6.48 -6.77 6.41
C THR A 34 -7.74 -6.76 5.58
N GLY A 35 -8.78 -6.07 6.06
CA GLY A 35 -10.00 -5.98 5.31
C GLY A 35 -11.03 -7.03 5.64
N PRO A 36 -12.20 -6.93 5.06
CA PRO A 36 -12.56 -5.94 4.06
C PRO A 36 -12.88 -4.54 4.61
N ASP A 37 -13.12 -4.43 5.92
CA ASP A 37 -13.60 -3.18 6.50
C ASP A 37 -12.60 -2.43 7.36
N LEU A 38 -11.60 -3.13 7.88
CA LEU A 38 -10.65 -2.53 8.83
C LEU A 38 -9.24 -2.86 8.40
N PHE A 39 -8.36 -1.85 8.46
CA PHE A 39 -7.01 -1.98 7.87
C PHE A 39 -5.88 -1.38 8.67
N ASP A 40 -4.73 -2.06 8.69
CA ASP A 40 -3.46 -1.38 8.96
C ASP A 40 -2.75 -1.18 7.63
N CYS A 41 -1.59 -0.53 7.66
CA CYS A 41 -0.97 -0.11 6.39
C CYS A 41 -0.63 -1.30 5.49
N SER A 42 0.01 -2.30 6.08
CA SER A 42 0.42 -3.50 5.35
C SER A 42 -0.79 -4.37 5.05
N GLY A 43 -1.82 -4.32 5.89
CA GLY A 43 -3.04 -5.08 5.63
C GLY A 43 -3.75 -4.59 4.40
N LEU A 44 -3.75 -3.29 4.18
CA LEU A 44 -4.35 -2.74 2.96
C LEU A 44 -3.57 -3.23 1.75
N VAL A 45 -2.24 -3.22 1.82
CA VAL A 45 -1.42 -3.75 0.73
C VAL A 45 -1.74 -5.21 0.44
N LEU A 46 -1.80 -6.02 1.49
CA LEU A 46 -2.06 -7.45 1.33
C LEU A 46 -3.45 -7.71 0.72
N TYR A 47 -4.46 -7.06 1.29
CA TYR A 47 -5.82 -7.20 0.79
C TYR A 47 -5.88 -6.84 -0.70
N SER A 48 -5.28 -5.71 -1.06
CA SER A 48 -5.39 -5.21 -2.43
C SER A 48 -4.81 -6.19 -3.46
N HIS A 49 -3.72 -6.84 -3.08
CA HIS A 49 -3.12 -7.87 -3.93
C HIS A 49 -3.94 -9.16 -3.93
N ASN A 50 -4.32 -9.66 -2.76
CA ASN A 50 -5.07 -10.93 -2.70
C ASN A 50 -6.37 -10.84 -3.49
N GLN A 51 -7.07 -9.71 -3.40
CA GLN A 51 -8.33 -9.55 -4.10
C GLN A 51 -8.20 -9.64 -5.60
N CYS A 52 -7.01 -9.32 -6.11
CA CYS A 52 -6.73 -9.36 -7.54
C CYS A 52 -6.04 -10.65 -7.96
N GLY A 53 -5.92 -11.62 -7.04
CA GLY A 53 -5.24 -12.87 -7.38
C GLY A 53 -3.74 -12.74 -7.52
N VAL A 54 -3.16 -11.70 -6.92
CA VAL A 54 -1.72 -11.48 -6.99
C VAL A 54 -1.15 -12.01 -5.68
N TYR A 55 -0.84 -13.30 -5.67
CA TYR A 55 -0.39 -13.99 -4.46
C TYR A 55 1.09 -13.76 -4.25
N GLY A 56 1.55 -14.08 -3.04
CA GLY A 56 2.96 -14.02 -2.66
C GLY A 56 3.38 -12.82 -1.84
N VAL A 57 2.43 -11.98 -1.47
CA VAL A 57 2.72 -10.76 -0.73
C VAL A 57 2.81 -11.10 0.75
N PRO A 58 3.87 -10.65 1.46
CA PRO A 58 3.94 -10.89 2.89
C PRO A 58 3.01 -10.02 3.70
N ARG A 59 2.95 -10.29 4.99
CA ARG A 59 1.95 -9.63 5.87
C ARG A 59 2.40 -8.28 6.41
N VAL A 60 3.66 -8.18 6.85
CA VAL A 60 4.07 -6.99 7.58
C VAL A 60 4.92 -6.08 6.70
N ALA A 61 4.92 -4.81 7.08
CA ALA A 61 5.52 -3.76 6.27
C ALA A 61 6.98 -4.01 5.96
N LYS A 62 7.75 -4.40 6.98
CA LYS A 62 9.20 -4.55 6.76
C LYS A 62 9.47 -5.65 5.72
N ASP A 63 8.62 -6.68 5.69
CA ASP A 63 8.76 -7.78 4.73
C ASP A 63 8.23 -7.37 3.34
N GLN A 64 7.13 -6.62 3.32
CA GLN A 64 6.60 -6.16 2.02
C GLN A 64 7.61 -5.28 1.27
N ALA A 65 8.41 -4.52 2.03
CA ALA A 65 9.44 -3.67 1.47
C ALA A 65 10.59 -4.45 0.84
N ARG A 66 10.76 -5.71 1.21
CA ARG A 66 11.87 -6.53 0.75
C ARG A 66 11.49 -7.53 -0.33
N GLY A 67 10.21 -7.88 -0.42
CA GLY A 67 9.76 -8.92 -1.35
C GLY A 67 9.49 -8.37 -2.73
N GLY A 68 9.04 -9.26 -3.60
CA GLY A 68 8.75 -8.90 -4.98
C GLY A 68 9.99 -8.44 -5.70
N LYS A 69 9.78 -7.58 -6.69
CA LYS A 69 10.83 -7.02 -7.53
CA LYS A 69 10.89 -7.01 -7.45
C LYS A 69 10.87 -5.50 -7.33
N ALA A 70 11.93 -4.86 -7.81
CA ALA A 70 12.00 -3.40 -7.79
C ALA A 70 10.84 -2.81 -8.59
N GLY A 71 10.20 -1.79 -8.02
CA GLY A 71 9.15 -1.05 -8.68
C GLY A 71 9.61 0.29 -9.17
N SER A 72 8.72 0.96 -9.89
CA SER A 72 8.98 2.30 -10.42
C SER A 72 8.08 3.37 -9.83
N GLY A 73 7.08 2.96 -9.05
CA GLY A 73 6.10 3.90 -8.52
C GLY A 73 4.87 4.05 -9.39
N ALA A 74 4.72 3.14 -10.34
CA ALA A 74 3.54 3.04 -11.18
C ALA A 74 2.32 2.56 -10.36
N ALA A 75 1.13 2.77 -10.90
CA ALA A 75 -0.11 2.32 -10.26
C ALA A 75 0.01 0.86 -9.83
N GLY A 76 -0.27 0.62 -8.55
CA GLY A 76 -0.27 -0.73 -8.00
C GLY A 76 1.06 -1.18 -7.43
N ASP A 77 2.14 -0.43 -7.64
CA ASP A 77 3.38 -0.73 -6.93
C ASP A 77 3.19 -0.45 -5.45
N VAL A 78 4.02 -1.10 -4.64
CA VAL A 78 4.02 -0.85 -3.20
C VAL A 78 5.09 0.20 -2.92
N VAL A 79 4.69 1.29 -2.26
CA VAL A 79 5.66 2.25 -1.73
C VAL A 79 5.91 1.90 -0.27
N TYR A 80 7.19 1.90 0.11
CA TYR A 80 7.57 1.65 1.49
C TYR A 80 8.41 2.80 2.02
N PHE A 81 8.38 2.96 3.34
CA PHE A 81 9.05 4.06 4.00
C PHE A 81 9.99 3.50 5.04
N GLY A 82 11.29 3.73 4.81
CA GLY A 82 12.36 3.23 5.67
C GLY A 82 12.99 1.91 5.25
N ASN A 83 14.20 1.65 5.76
CA ASN A 83 14.89 0.36 5.62
C ASN A 83 15.58 0.08 6.95
N PRO A 84 14.98 -0.72 7.85
CA PRO A 84 13.73 -1.48 7.66
C PRO A 84 12.45 -0.62 7.61
N ALA A 85 11.52 -1.06 6.79
CA ALA A 85 10.33 -0.27 6.55
C ALA A 85 9.33 -0.37 7.69
N HIS A 86 8.72 0.78 8.00
CA HIS A 86 7.70 0.86 9.06
C HIS A 86 6.32 1.27 8.55
N HIS A 87 6.22 1.59 7.25
CA HIS A 87 4.95 2.03 6.69
C HIS A 87 4.97 1.71 5.20
N VAL A 88 3.79 1.44 4.65
CA VAL A 88 3.64 1.11 3.23
C VAL A 88 2.31 1.69 2.73
N GLY A 89 2.24 1.82 1.41
CA GLY A 89 1.02 2.20 0.71
C GLY A 89 1.02 1.63 -0.70
N ILE A 90 -0.09 1.86 -1.40
CA ILE A 90 -0.23 1.44 -2.81
C ILE A 90 -0.12 2.69 -3.68
N CYS A 91 0.82 2.68 -4.64
CA CYS A 91 1.03 3.82 -5.49
C CYS A 91 -0.13 4.06 -6.44
N CYS A 92 -0.50 5.34 -6.56
CA CYS A 92 -1.48 5.76 -7.57
C CYS A 92 -0.84 5.96 -8.95
N GLY A 93 0.48 6.17 -9.00
CA GLY A 93 1.18 6.39 -10.26
C GLY A 93 1.41 7.85 -10.60
N ASP A 94 1.00 8.75 -9.71
CA ASP A 94 1.05 10.18 -9.93
C ASP A 94 1.77 10.90 -8.82
N GLY A 95 2.51 10.18 -7.99
CA GLY A 95 3.19 10.81 -6.85
C GLY A 95 2.45 10.63 -5.52
N SER A 96 1.21 10.12 -5.58
CA SER A 96 0.42 9.87 -4.37
CA SER A 96 0.42 9.86 -4.38
C SER A 96 0.25 8.37 -4.14
N MET A 97 -0.28 8.04 -2.96
CA MET A 97 -0.54 6.65 -2.60
C MET A 97 -1.89 6.57 -1.90
N VAL A 98 -2.47 5.37 -1.92
CA VAL A 98 -3.55 5.01 -1.01
C VAL A 98 -2.91 4.31 0.18
N HIS A 99 -3.23 4.75 1.38
CA HIS A 99 -2.66 4.11 2.57
C HIS A 99 -3.62 4.13 3.74
N ALA A 100 -3.36 3.23 4.69
CA ALA A 100 -4.05 3.23 5.99
C ALA A 100 -3.05 3.92 6.94
N PRO A 101 -3.32 5.17 7.35
CA PRO A 101 -2.22 5.97 7.94
C PRO A 101 -1.71 5.56 9.33
N ARG A 102 -2.63 5.40 10.25
CA ARG A 102 -2.31 5.19 11.66
C ARG A 102 -3.61 5.05 12.42
N PRO A 103 -3.56 4.51 13.66
CA PRO A 103 -4.75 4.52 14.46
C PRO A 103 -5.27 5.96 14.57
N GLY A 104 -6.58 6.11 14.40
CA GLY A 104 -7.22 7.41 14.44
C GLY A 104 -7.34 8.11 13.11
N LYS A 105 -6.97 7.43 12.02
CA LYS A 105 -7.20 7.93 10.66
C LYS A 105 -7.87 6.83 9.84
N THR A 106 -8.45 7.21 8.72
CA THR A 106 -9.06 6.28 7.78
C THR A 106 -8.22 6.18 6.51
N VAL A 107 -8.46 5.10 5.76
CA VAL A 107 -7.78 4.88 4.49
C VAL A 107 -8.02 6.07 3.56
N CYS A 108 -6.93 6.57 2.97
CA CYS A 108 -6.99 7.83 2.22
C CYS A 108 -5.82 7.92 1.26
N ILE A 109 -5.89 8.93 0.39
CA ILE A 109 -4.84 9.24 -0.54
C ILE A 109 -3.96 10.35 0.06
N LEU A 110 -2.66 10.18 -0.06
CA LEU A 110 -1.69 11.14 0.42
C LEU A 110 -0.54 11.23 -0.58
N LYS A 111 -0.04 12.44 -0.81
CA LYS A 111 1.16 12.63 -1.59
CA LYS A 111 1.17 12.63 -1.59
C LYS A 111 2.33 11.97 -0.87
N ILE A 112 3.08 11.13 -1.58
CA ILE A 112 4.17 10.35 -0.98
C ILE A 112 5.23 11.29 -0.35
N ALA A 113 5.50 12.41 -1.02
CA ALA A 113 6.43 13.43 -0.50
C ALA A 113 6.06 13.94 0.89
N TYR A 114 4.77 13.94 1.22
CA TYR A 114 4.31 14.48 2.50
C TYR A 114 4.72 13.64 3.71
N MET A 115 5.16 12.41 3.48
CA MET A 115 5.69 11.59 4.57
C MET A 115 7.03 12.11 5.07
N LYS A 116 7.73 12.88 4.23
CA LYS A 116 8.99 13.54 4.60
C LYS A 116 10.01 12.52 5.13
N GLU A 117 10.09 11.39 4.44
CA GLU A 117 11.07 10.38 4.78
C GLU A 117 11.41 9.50 3.59
N SER A 118 12.51 8.80 3.74
CA SER A 118 13.02 7.88 2.74
CA SER A 118 13.02 7.87 2.72
C SER A 118 11.93 6.91 2.26
N TYR A 119 11.92 6.64 0.95
CA TYR A 119 10.94 5.73 0.37
C TYR A 119 11.46 5.07 -0.87
N GLY A 120 10.94 3.87 -1.13
CA GLY A 120 11.21 3.15 -2.36
C GLY A 120 9.98 2.37 -2.80
N TYR A 121 10.15 1.63 -3.90
CA TYR A 121 9.04 0.93 -4.54
C TYR A 121 9.35 -0.53 -4.78
N ARG A 122 8.34 -1.38 -4.51
CA ARG A 122 8.35 -2.77 -4.91
C ARG A 122 7.18 -3.05 -5.83
N ARG A 123 7.28 -4.17 -6.55
CA ARG A 123 6.25 -4.62 -7.47
C ARG A 123 6.04 -6.12 -7.30
N TYR A 124 4.78 -6.48 -7.09
CA TYR A 124 4.40 -7.89 -6.84
C TYR A 124 3.61 -8.52 -7.97
N TYR A 125 3.18 -7.71 -8.93
CA TYR A 125 2.43 -8.18 -10.09
C TYR A 125 3.34 -8.33 -11.28
#